data_1JUQ
#
_entry.id   1JUQ
#
_cell.length_a   123.640
_cell.length_b   131.350
_cell.length_c   108.140
_cell.angle_alpha   90.00
_cell.angle_beta   90.00
_cell.angle_gamma   90.00
#
_symmetry.space_group_name_H-M   'C 2 2 21'
#
loop_
_entity.id
_entity.type
_entity.pdbx_description
1 polymer 'ADP-RIBOSYLATION FACTOR BINDING PROTEIN GGA3'
2 polymer 'Cation-dependent mannose-6-phosphate receptor'
3 water water
#
loop_
_entity_poly.entity_id
_entity_poly.type
_entity_poly.pdbx_seq_one_letter_code
_entity_poly.pdbx_strand_id
1 'polypeptide(L)'
;GA(MSE)GS(MSE)AEAEGESLESWLNKATNPSNRQEDWEYIIGFCDQINKELEGPQIAVRLLAHKIQSPQEWEALQALT
VLEAC(MSE)KNCGRRFHNEVGKFRFLNELIKVVSPKYLGDRVSEKVKTKVIELLYSWT(MSE)ALPEEAKIKDAYH
(MSE)LKRQGIVQSDPPIPVDRTLIPSPPPRPKN
;
A,B,C,D
2 'polypeptide(L)' EESEERDDHLLPM E,F,G,H
#
# COMPACT_ATOMS: atom_id res chain seq x y z
N GLU A 12 4.30 23.98 28.26
CA GLU A 12 3.31 25.02 27.85
C GLU A 12 1.96 24.41 27.45
N SER A 13 0.99 25.28 27.14
CA SER A 13 -0.35 24.84 26.77
C SER A 13 -0.52 24.44 25.31
N LEU A 14 -1.65 23.80 25.02
CA LEU A 14 -1.96 23.35 23.67
C LEU A 14 -1.81 24.47 22.66
N GLU A 15 -2.57 25.56 22.85
CA GLU A 15 -2.48 26.68 21.92
C GLU A 15 -1.05 27.19 21.85
N SER A 16 -0.36 27.15 22.99
CA SER A 16 1.02 27.59 23.05
C SER A 16 1.84 26.80 22.04
N TRP A 17 1.75 25.48 22.14
CA TRP A 17 2.48 24.59 21.24
C TRP A 17 2.04 24.78 19.79
N LEU A 18 0.73 24.75 19.55
CA LEU A 18 0.22 24.88 18.20
C LEU A 18 0.64 26.20 17.55
N ASN A 19 0.47 27.30 18.29
CA ASN A 19 0.84 28.61 17.76
C ASN A 19 2.27 28.63 17.25
N LYS A 20 3.18 27.99 17.97
CA LYS A 20 4.57 27.94 17.54
C LYS A 20 4.70 26.94 16.38
N ALA A 21 3.96 25.85 16.47
CA ALA A 21 4.00 24.81 15.45
C ALA A 21 3.31 25.21 14.14
N THR A 22 2.52 26.28 14.18
CA THR A 22 1.81 26.74 12.98
C THR A 22 2.06 28.20 12.66
N ASN A 23 3.04 28.79 13.33
CA ASN A 23 3.39 30.20 13.12
C ASN A 23 3.70 30.49 11.66
N PRO A 24 2.97 31.45 11.06
CA PRO A 24 3.13 31.87 9.65
C PRO A 24 4.53 32.42 9.37
N SER A 25 5.28 32.69 10.43
CA SER A 25 6.62 33.24 10.28
C SER A 25 7.69 32.15 10.12
N ASN A 26 7.44 30.97 10.69
CA ASN A 26 8.39 29.87 10.58
C ASN A 26 9.03 29.80 9.21
N ARG A 27 10.33 29.58 9.18
CA ARG A 27 11.04 29.48 7.92
C ARG A 27 10.94 28.06 7.38
N GLN A 28 10.61 27.12 8.26
CA GLN A 28 10.46 25.72 7.91
C GLN A 28 9.63 25.04 8.98
N GLU A 29 9.30 23.77 8.74
CA GLU A 29 8.52 23.02 9.71
C GLU A 29 9.38 22.81 10.96
N ASP A 30 8.80 23.07 12.13
CA ASP A 30 9.51 22.90 13.38
C ASP A 30 8.95 21.69 14.13
N TRP A 31 9.44 20.51 13.75
CA TRP A 31 8.97 19.28 14.37
C TRP A 31 9.18 19.24 15.86
N GLU A 32 9.85 20.26 16.39
CA GLU A 32 10.10 20.36 17.81
C GLU A 32 8.75 20.62 18.48
N TYR A 33 8.03 21.61 17.97
CA TYR A 33 6.74 21.97 18.52
C TYR A 33 5.61 21.04 18.07
N ILE A 34 5.76 20.45 16.88
CA ILE A 34 4.74 19.54 16.37
C ILE A 34 4.58 18.36 17.32
N ILE A 35 5.71 17.73 17.66
CA ILE A 35 5.70 16.59 18.57
C ILE A 35 5.25 17.05 19.97
N GLY A 36 5.71 18.23 20.36
CA GLY A 36 5.34 18.76 21.68
C GLY A 36 3.84 18.96 21.81
N PHE A 37 3.21 19.37 20.72
CA PHE A 37 1.77 19.58 20.71
C PHE A 37 1.10 18.22 20.89
N CYS A 38 1.67 17.20 20.23
CA CYS A 38 1.13 15.84 20.31
C CYS A 38 1.18 15.21 21.71
N ASP A 39 2.35 15.25 22.35
CA ASP A 39 2.49 14.70 23.70
C ASP A 39 1.61 15.50 24.65
N GLN A 40 1.46 16.79 24.36
CA GLN A 40 0.62 17.64 25.19
C GLN A 40 -0.78 17.06 25.15
N ILE A 41 -1.29 16.86 23.94
CA ILE A 41 -2.62 16.30 23.75
C ILE A 41 -2.77 15.01 24.53
N ASN A 42 -1.70 14.22 24.55
CA ASN A 42 -1.72 12.94 25.25
C ASN A 42 -1.73 13.08 26.77
N LYS A 43 -1.43 14.27 27.27
CA LYS A 43 -1.44 14.53 28.71
C LYS A 43 -2.79 15.07 29.15
N GLU A 44 -3.26 16.09 28.44
CA GLU A 44 -4.54 16.74 28.72
C GLU A 44 -5.73 15.79 28.72
N LEU A 45 -6.59 15.92 29.74
CA LEU A 45 -7.78 15.08 29.85
C LEU A 45 -8.74 15.43 28.73
N GLU A 46 -8.61 16.65 28.21
CA GLU A 46 -9.46 17.11 27.12
C GLU A 46 -8.59 17.57 25.94
N GLY A 47 -7.44 16.92 25.79
CA GLY A 47 -6.53 17.25 24.72
C GLY A 47 -7.17 17.07 23.35
N PRO A 48 -7.78 15.90 23.08
CA PRO A 48 -8.41 15.64 21.79
C PRO A 48 -9.46 16.70 21.44
N GLN A 49 -10.50 16.77 22.26
CA GLN A 49 -11.58 17.71 22.05
C GLN A 49 -11.07 19.12 21.75
N ILE A 50 -10.15 19.59 22.58
CA ILE A 50 -9.58 20.92 22.42
C ILE A 50 -8.73 21.05 21.16
N ALA A 51 -7.90 20.04 20.90
CA ALA A 51 -7.01 20.06 19.74
C ALA A 51 -7.72 20.15 18.40
N VAL A 52 -8.76 19.36 18.18
CA VAL A 52 -9.46 19.42 16.90
C VAL A 52 -10.03 20.82 16.67
N ARG A 53 -10.60 21.41 17.72
CA ARG A 53 -11.16 22.75 17.61
C ARG A 53 -10.07 23.73 17.18
N LEU A 54 -8.94 23.68 17.87
CA LEU A 54 -7.81 24.55 17.57
C LEU A 54 -7.28 24.34 16.14
N LEU A 55 -7.13 23.07 15.77
CA LEU A 55 -6.62 22.71 14.45
C LEU A 55 -7.56 23.15 13.34
N ALA A 56 -8.84 22.91 13.52
CA ALA A 56 -9.84 23.30 12.54
C ALA A 56 -9.67 24.77 12.19
N HIS A 57 -9.48 25.59 13.21
CA HIS A 57 -9.31 27.02 13.04
C HIS A 57 -8.04 27.37 12.27
N LYS A 58 -6.92 26.77 12.65
CA LYS A 58 -5.64 27.05 11.99
C LYS A 58 -5.69 26.64 10.52
N ILE A 59 -6.28 25.48 10.28
CA ILE A 59 -6.39 24.95 8.92
C ILE A 59 -7.19 25.89 8.03
N GLN A 60 -8.12 26.63 8.64
CA GLN A 60 -8.97 27.55 7.89
C GLN A 60 -8.40 28.97 7.81
N SER A 61 -7.14 29.14 8.21
CA SER A 61 -6.50 30.44 8.15
C SER A 61 -6.19 30.88 6.73
N PRO A 62 -6.43 32.17 6.42
CA PRO A 62 -6.17 32.73 5.09
C PRO A 62 -4.68 32.67 4.70
N GLN A 63 -3.84 32.48 5.71
CA GLN A 63 -2.40 32.39 5.49
C GLN A 63 -2.04 30.94 5.20
N GLU A 64 -1.77 30.65 3.92
CA GLU A 64 -1.47 29.29 3.48
C GLU A 64 -0.45 28.52 4.31
N TRP A 65 0.66 29.16 4.63
CA TRP A 65 1.71 28.51 5.41
C TRP A 65 1.20 28.08 6.79
N GLU A 66 0.27 28.86 7.35
CA GLU A 66 -0.26 28.52 8.67
C GLU A 66 -1.18 27.31 8.56
N ALA A 67 -1.99 27.29 7.52
CA ALA A 67 -2.91 26.18 7.31
C ALA A 67 -2.14 24.91 6.95
N LEU A 68 -1.10 25.06 6.13
CA LEU A 68 -0.28 23.93 5.70
C LEU A 68 0.38 23.26 6.90
N GLN A 69 1.02 24.07 7.74
CA GLN A 69 1.66 23.54 8.93
C GLN A 69 0.62 22.88 9.83
N ALA A 70 -0.56 23.51 9.94
CA ALA A 70 -1.62 22.96 10.76
C ALA A 70 -2.04 21.57 10.29
N LEU A 71 -2.05 21.38 8.96
CA LEU A 71 -2.43 20.10 8.37
C LEU A 71 -1.38 19.04 8.70
N THR A 72 -0.11 19.44 8.65
CA THR A 72 0.99 18.55 8.97
C THR A 72 0.89 18.18 10.45
N VAL A 73 0.53 19.14 11.28
CA VAL A 73 0.37 18.88 12.71
C VAL A 73 -0.78 17.89 12.93
N LEU A 74 -1.85 18.07 12.17
CA LEU A 74 -3.02 17.19 12.26
C LEU A 74 -2.60 15.77 11.87
N GLU A 75 -1.75 15.67 10.87
CA GLU A 75 -1.25 14.38 10.38
C GLU A 75 -0.44 13.68 11.45
N ALA A 76 0.38 14.44 12.17
CA ALA A 76 1.19 13.88 13.23
C ALA A 76 0.31 13.41 14.39
N CYS A 77 -0.73 14.16 14.71
CA CYS A 77 -1.62 13.76 15.82
C CYS A 77 -2.31 12.45 15.50
N LYS A 79 -1.10 9.99 14.01
CA LYS A 79 -0.20 8.88 14.30
C LYS A 79 0.30 8.82 15.73
N ASN A 80 0.24 9.94 16.44
CA ASN A 80 0.74 10.00 17.82
C ASN A 80 -0.28 10.11 18.95
N CYS A 81 -1.55 10.37 18.65
CA CYS A 81 -2.51 10.54 19.72
C CYS A 81 -3.60 9.47 19.84
N GLY A 82 -3.32 8.31 19.23
CA GLY A 82 -4.21 7.17 19.29
C GLY A 82 -5.69 7.35 19.04
N ARG A 83 -6.44 6.33 19.46
CA ARG A 83 -7.88 6.29 19.28
C ARG A 83 -8.66 7.45 19.89
N ARG A 84 -8.23 7.95 21.05
CA ARG A 84 -8.96 9.05 21.67
C ARG A 84 -8.95 10.27 20.75
N PHE A 85 -7.92 10.41 19.92
CA PHE A 85 -7.86 11.54 19.00
C PHE A 85 -8.68 11.20 17.76
N HIS A 86 -8.53 9.98 17.27
CA HIS A 86 -9.28 9.54 16.09
C HIS A 86 -10.78 9.77 16.26
N ASN A 87 -11.31 9.41 17.43
CA ASN A 87 -12.73 9.56 17.70
C ASN A 87 -13.21 11.00 17.48
N GLU A 88 -12.40 11.96 17.92
CA GLU A 88 -12.74 13.37 17.76
C GLU A 88 -12.72 13.80 16.30
N VAL A 89 -11.75 13.31 15.56
CA VAL A 89 -11.65 13.66 14.14
C VAL A 89 -12.78 13.00 13.36
N GLY A 90 -13.24 11.84 13.84
CA GLY A 90 -14.30 11.14 13.15
C GLY A 90 -15.70 11.69 13.36
N LYS A 91 -15.80 12.95 13.77
CA LYS A 91 -17.10 13.58 14.00
C LYS A 91 -17.36 14.72 13.04
N PHE A 92 -18.61 14.86 12.61
CA PHE A 92 -18.99 15.92 11.69
C PHE A 92 -18.61 17.28 12.27
N ARG A 93 -18.63 17.36 13.59
CA ARG A 93 -18.25 18.59 14.27
C ARG A 93 -16.91 19.09 13.72
N PHE A 94 -15.98 18.16 13.51
CA PHE A 94 -14.68 18.52 12.99
C PHE A 94 -14.64 18.40 11.48
N LEU A 95 -15.14 17.27 10.97
CA LEU A 95 -15.15 17.01 9.55
C LEU A 95 -15.76 18.15 8.73
N ASN A 96 -16.90 18.68 9.17
CA ASN A 96 -17.52 19.78 8.43
C ASN A 96 -16.55 20.94 8.25
N GLU A 97 -15.65 21.12 9.20
CA GLU A 97 -14.67 22.19 9.13
C GLU A 97 -13.67 21.97 7.98
N LEU A 98 -13.39 20.71 7.67
CA LEU A 98 -12.46 20.38 6.58
C LEU A 98 -13.17 20.50 5.23
N ILE A 99 -14.43 20.11 5.22
CA ILE A 99 -15.24 20.20 4.01
C ILE A 99 -15.32 21.67 3.60
N LYS A 100 -15.60 22.53 4.57
CA LYS A 100 -15.69 23.96 4.31
C LYS A 100 -14.42 24.50 3.65
N VAL A 101 -13.30 23.82 3.85
CA VAL A 101 -12.04 24.28 3.28
C VAL A 101 -11.90 23.96 1.79
N VAL A 102 -12.48 22.85 1.34
CA VAL A 102 -12.38 22.46 -0.05
C VAL A 102 -13.67 22.70 -0.85
N SER A 103 -14.78 22.88 -0.13
CA SER A 103 -16.06 23.12 -0.78
C SER A 103 -16.18 24.55 -1.31
N PRO A 104 -16.29 24.70 -2.64
CA PRO A 104 -16.42 26.02 -3.27
C PRO A 104 -17.59 26.82 -2.72
N LYS A 105 -18.59 26.12 -2.20
CA LYS A 105 -19.76 26.79 -1.64
C LYS A 105 -19.36 27.65 -0.45
N TYR A 106 -18.46 27.13 0.38
CA TYR A 106 -17.99 27.85 1.56
C TYR A 106 -16.67 28.57 1.29
N LEU A 107 -15.58 28.05 1.84
CA LEU A 107 -14.26 28.65 1.66
C LEU A 107 -13.54 28.12 0.43
N GLY A 108 -14.13 27.12 -0.21
CA GLY A 108 -13.52 26.50 -1.38
C GLY A 108 -12.93 27.38 -2.46
N ASP A 109 -13.67 28.39 -2.91
CA ASP A 109 -13.19 29.27 -3.99
C ASP A 109 -12.09 30.25 -3.58
N ARG A 110 -11.60 30.13 -2.35
CA ARG A 110 -10.55 31.04 -1.88
C ARG A 110 -9.29 30.29 -1.46
N VAL A 111 -9.48 29.13 -0.85
CA VAL A 111 -8.36 28.31 -0.38
C VAL A 111 -7.47 27.90 -1.55
N SER A 112 -6.19 27.64 -1.27
CA SER A 112 -5.23 27.25 -2.28
C SER A 112 -5.31 25.76 -2.64
N GLU A 113 -4.86 25.43 -3.84
CA GLU A 113 -4.88 24.05 -4.29
C GLU A 113 -4.01 23.19 -3.38
N LYS A 114 -2.96 23.78 -2.82
CA LYS A 114 -2.09 23.05 -1.93
C LYS A 114 -2.88 22.54 -0.72
N VAL A 115 -3.55 23.46 -0.04
CA VAL A 115 -4.34 23.13 1.14
C VAL A 115 -5.47 22.16 0.81
N LYS A 116 -6.17 22.43 -0.29
CA LYS A 116 -7.28 21.60 -0.73
C LYS A 116 -6.87 20.14 -0.97
N THR A 117 -5.89 19.93 -1.84
CA THR A 117 -5.47 18.57 -2.14
C THR A 117 -4.97 17.85 -0.88
N LYS A 118 -4.23 18.57 -0.03
CA LYS A 118 -3.72 17.97 1.19
C LYS A 118 -4.88 17.41 2.01
N VAL A 119 -5.90 18.24 2.21
CA VAL A 119 -7.08 17.86 2.96
C VAL A 119 -7.75 16.61 2.39
N ILE A 120 -7.89 16.57 1.06
CA ILE A 120 -8.53 15.43 0.41
C ILE A 120 -7.68 14.17 0.58
N GLU A 121 -6.38 14.34 0.41
CA GLU A 121 -5.43 13.24 0.56
C GLU A 121 -5.62 12.59 1.94
N LEU A 122 -5.72 13.43 2.97
CA LEU A 122 -5.89 12.97 4.35
C LEU A 122 -7.22 12.26 4.56
N LEU A 123 -8.30 12.87 4.09
CA LEU A 123 -9.64 12.29 4.20
C LEU A 123 -9.64 10.93 3.52
N TYR A 124 -9.16 10.89 2.29
CA TYR A 124 -9.09 9.63 1.56
C TYR A 124 -8.29 8.63 2.38
N SER A 125 -7.16 9.09 2.90
CA SER A 125 -6.30 8.24 3.71
C SER A 125 -7.00 7.66 4.92
N TRP A 126 -7.78 8.47 5.62
CA TRP A 126 -8.47 8.00 6.81
C TRP A 126 -9.59 7.01 6.57
N THR A 127 -10.26 7.11 5.42
CA THR A 127 -11.34 6.19 5.09
C THR A 127 -10.74 4.80 4.96
N ALA A 129 -7.50 3.86 6.51
CA ALA A 129 -6.90 3.53 7.81
C ALA A 129 -7.88 3.38 8.96
N LEU A 130 -8.97 4.12 8.92
CA LEU A 130 -9.98 4.09 9.98
C LEU A 130 -11.32 3.63 9.46
N PRO A 131 -11.39 2.39 8.95
CA PRO A 131 -12.64 1.83 8.42
C PRO A 131 -13.74 1.93 9.46
N GLU A 132 -13.33 2.00 10.71
CA GLU A 132 -14.21 2.11 11.86
C GLU A 132 -15.00 3.42 11.90
N GLU A 133 -14.34 4.50 11.46
CA GLU A 133 -14.96 5.83 11.46
C GLU A 133 -15.86 6.06 10.26
N ALA A 134 -17.09 5.56 10.34
CA ALA A 134 -18.05 5.71 9.25
C ALA A 134 -18.27 7.15 8.81
N LYS A 135 -18.33 8.08 9.76
CA LYS A 135 -18.55 9.48 9.42
C LYS A 135 -17.47 10.02 8.49
N ILE A 136 -16.26 9.50 8.61
CA ILE A 136 -15.16 9.95 7.75
C ILE A 136 -15.46 9.53 6.32
N LYS A 137 -16.00 8.32 6.17
CA LYS A 137 -16.34 7.83 4.84
C LYS A 137 -17.47 8.64 4.22
N ASP A 138 -18.51 8.90 5.01
CA ASP A 138 -19.64 9.67 4.52
C ASP A 138 -19.15 11.05 4.07
N ALA A 139 -18.27 11.65 4.85
CA ALA A 139 -17.75 12.96 4.51
C ALA A 139 -17.03 12.92 3.16
N TYR A 140 -16.12 11.97 3.01
CA TYR A 140 -15.36 11.84 1.76
C TYR A 140 -16.30 11.51 0.59
N HIS A 141 -17.21 10.57 0.80
CA HIS A 141 -18.14 10.20 -0.25
C HIS A 141 -18.94 11.38 -0.75
N LEU A 143 -18.06 14.58 -0.82
CA LEU A 143 -17.15 15.39 -1.62
C LEU A 143 -17.10 14.93 -3.08
N LYS A 144 -17.23 13.63 -3.29
CA LYS A 144 -17.19 13.07 -4.63
C LYS A 144 -18.57 13.26 -5.28
N ARG A 145 -19.60 12.78 -4.60
CA ARG A 145 -20.98 12.89 -5.06
C ARG A 145 -21.29 14.35 -5.44
N GLN A 146 -20.52 15.27 -4.87
CA GLN A 146 -20.72 16.70 -5.11
C GLN A 146 -19.73 17.27 -6.12
N GLY A 147 -18.94 16.40 -6.74
CA GLY A 147 -17.97 16.85 -7.73
C GLY A 147 -16.74 17.57 -7.17
N ILE A 148 -16.63 17.63 -5.85
CA ILE A 148 -15.49 18.29 -5.22
C ILE A 148 -14.23 17.48 -5.50
N VAL A 149 -14.39 16.16 -5.51
CA VAL A 149 -13.30 15.25 -5.80
C VAL A 149 -13.69 14.46 -7.05
N GLN A 150 -12.95 14.63 -8.14
CA GLN A 150 -13.24 13.94 -9.40
C GLN A 150 -12.93 12.44 -9.34
N SER A 151 -11.92 12.07 -8.55
CA SER A 151 -11.53 10.67 -8.41
C SER A 151 -10.55 10.50 -7.25
N ASP A 152 -10.38 9.26 -6.81
CA ASP A 152 -9.47 9.00 -5.71
C ASP A 152 -8.09 9.48 -6.09
N PRO A 153 -7.47 10.30 -5.23
CA PRO A 153 -6.13 10.82 -5.51
C PRO A 153 -5.05 9.83 -5.14
N PRO A 154 -3.87 9.97 -5.73
CA PRO A 154 -2.77 9.05 -5.39
C PRO A 154 -2.26 9.55 -4.04
N ILE A 155 -1.71 8.67 -3.21
CA ILE A 155 -1.21 9.13 -1.93
C ILE A 155 0.16 8.55 -1.64
N PRO A 156 0.93 9.21 -0.76
CA PRO A 156 2.27 8.73 -0.41
C PRO A 156 2.16 7.33 0.17
N VAL A 157 3.13 6.48 -0.14
CA VAL A 157 3.11 5.12 0.37
C VAL A 157 3.33 5.07 1.88
N ASP A 158 2.40 4.43 2.58
CA ASP A 158 2.49 4.26 4.02
C ASP A 158 1.81 2.94 4.32
N ARG A 159 2.62 1.90 4.48
CA ARG A 159 2.12 0.56 4.75
C ARG A 159 1.36 0.37 6.06
N THR A 160 1.38 1.37 6.95
CA THR A 160 0.64 1.24 8.21
C THR A 160 -0.83 1.57 7.98
N LEU A 161 -1.15 2.08 6.79
CA LEU A 161 -2.54 2.41 6.47
C LEU A 161 -3.36 1.14 6.28
N ILE A 162 -2.96 0.09 7.01
CA ILE A 162 -3.60 -1.22 6.96
C ILE A 162 -3.57 -1.78 5.53
N ASP B 7 -23.06 15.41 18.79
CA ASP B 7 -22.62 15.62 17.41
C ASP B 7 -23.81 15.98 16.54
N ASP B 8 -23.55 16.64 15.42
CA ASP B 8 -24.61 17.04 14.51
C ASP B 8 -24.58 16.26 13.20
N HIS B 9 -25.18 16.83 12.16
CA HIS B 9 -25.24 16.21 10.85
C HIS B 9 -24.20 16.78 9.89
N LEU B 10 -24.00 16.09 8.78
CA LEU B 10 -23.05 16.52 7.76
C LEU B 10 -23.59 17.74 7.02
N LEU B 11 -22.71 18.66 6.64
CA LEU B 11 -23.10 19.89 5.94
C LEU B 11 -24.16 19.67 4.86
N GLY C 4 16.11 -10.85 -34.79
CA GLY C 4 15.55 -12.23 -34.65
C GLY C 4 14.07 -12.29 -34.97
N SER C 5 13.29 -12.96 -34.12
CA SER C 5 11.86 -13.05 -34.36
C SER C 5 11.17 -11.69 -34.38
N ALA C 7 11.98 -9.33 -36.21
CA ALA C 7 11.92 -8.97 -37.61
C ALA C 7 11.07 -9.93 -38.43
N GLU C 8 10.52 -10.93 -37.77
CA GLU C 8 9.68 -11.92 -38.42
C GLU C 8 8.21 -11.57 -38.26
N ALA C 9 7.34 -12.55 -38.49
CA ALA C 9 5.90 -12.36 -38.39
C ALA C 9 5.45 -12.11 -36.96
N GLU C 10 6.17 -12.69 -36.00
CA GLU C 10 5.82 -12.53 -34.59
C GLU C 10 5.89 -11.05 -34.22
N GLY C 11 7.02 -10.43 -34.57
CA GLY C 11 7.20 -9.02 -34.28
C GLY C 11 6.22 -8.12 -34.99
N GLU C 12 5.89 -8.44 -36.24
CA GLU C 12 4.96 -7.62 -37.02
C GLU C 12 3.59 -7.66 -36.38
N SER C 13 3.14 -8.86 -36.01
CA SER C 13 1.84 -9.07 -35.38
C SER C 13 1.70 -8.25 -34.09
N LEU C 14 2.64 -8.44 -33.17
CA LEU C 14 2.61 -7.72 -31.89
C LEU C 14 2.59 -6.21 -32.06
N GLU C 15 3.38 -5.67 -32.99
CA GLU C 15 3.39 -4.23 -33.19
C GLU C 15 2.08 -3.78 -33.84
N SER C 16 1.50 -4.62 -34.68
CA SER C 16 0.24 -4.25 -35.32
C SER C 16 -0.85 -4.12 -34.23
N TRP C 17 -0.80 -5.02 -33.25
CA TRP C 17 -1.76 -4.99 -32.15
C TRP C 17 -1.52 -3.74 -31.31
N LEU C 18 -0.26 -3.51 -30.93
CA LEU C 18 0.09 -2.35 -30.12
C LEU C 18 -0.31 -1.05 -30.81
N ASN C 19 -0.31 -1.04 -32.15
CA ASN C 19 -0.73 0.14 -32.91
C ASN C 19 -2.20 0.42 -32.60
N LYS C 20 -2.99 -0.64 -32.53
CA LYS C 20 -4.41 -0.49 -32.24
C LYS C 20 -4.64 -0.08 -30.78
N ALA C 21 -3.84 -0.65 -29.87
CA ALA C 21 -3.96 -0.35 -28.45
C ALA C 21 -3.44 1.05 -28.09
N THR C 22 -2.66 1.65 -28.98
CA THR C 22 -2.10 2.97 -28.70
C THR C 22 -2.39 4.00 -29.80
N ASN C 23 -3.29 3.63 -30.71
CA ASN C 23 -3.65 4.51 -31.80
C ASN C 23 -4.08 5.86 -31.21
N PRO C 24 -3.35 6.94 -31.56
CA PRO C 24 -3.66 8.28 -31.04
C PRO C 24 -5.06 8.72 -31.43
N SER C 25 -5.72 7.91 -32.25
CA SER C 25 -7.05 8.20 -32.72
C SER C 25 -8.09 7.78 -31.68
N ASN C 26 -7.73 6.83 -30.83
CA ASN C 26 -8.65 6.35 -29.82
C ASN C 26 -9.13 7.54 -28.98
N ARG C 27 -10.45 7.65 -28.79
CA ARG C 27 -11.01 8.74 -28.00
C ARG C 27 -10.73 8.50 -26.53
N GLN C 28 -10.63 7.22 -26.15
CA GLN C 28 -10.32 6.84 -24.79
C GLN C 28 -9.58 5.52 -24.87
N GLU C 29 -9.14 4.99 -23.74
CA GLU C 29 -8.43 3.71 -23.76
C GLU C 29 -9.33 2.69 -24.47
N ASP C 30 -8.72 1.78 -25.20
CA ASP C 30 -9.47 0.75 -25.89
C ASP C 30 -9.02 -0.58 -25.31
N TRP C 31 -9.65 -0.95 -24.19
CA TRP C 31 -9.31 -2.17 -23.47
C TRP C 31 -9.40 -3.47 -24.27
N GLU C 32 -10.23 -3.50 -25.31
CA GLU C 32 -10.32 -4.71 -26.11
C GLU C 32 -8.94 -4.97 -26.72
N TYR C 33 -8.34 -3.90 -27.24
CA TYR C 33 -7.03 -3.99 -27.86
C TYR C 33 -5.91 -4.11 -26.84
N ILE C 34 -6.03 -3.39 -25.73
CA ILE C 34 -5.03 -3.42 -24.67
C ILE C 34 -4.91 -4.84 -24.15
N ILE C 35 -6.05 -5.41 -23.75
CA ILE C 35 -6.10 -6.77 -23.23
C ILE C 35 -5.69 -7.76 -24.33
N GLY C 36 -6.11 -7.49 -25.56
CA GLY C 36 -5.76 -8.38 -26.67
C GLY C 36 -4.26 -8.40 -26.92
N PHE C 37 -3.60 -7.28 -26.68
CA PHE C 37 -2.16 -7.22 -26.85
C PHE C 37 -1.55 -8.12 -25.81
N CYS C 38 -2.08 -8.05 -24.59
CA CYS C 38 -1.58 -8.89 -23.49
C CYS C 38 -1.72 -10.37 -23.82
N ASP C 39 -2.89 -10.77 -24.31
CA ASP C 39 -3.10 -12.18 -24.63
C ASP C 39 -2.13 -12.66 -25.69
N GLN C 40 -1.84 -11.79 -26.66
CA GLN C 40 -0.89 -12.14 -27.71
C GLN C 40 0.49 -12.39 -27.10
N ILE C 41 0.87 -11.58 -26.13
CA ILE C 41 2.16 -11.75 -25.46
C ILE C 41 2.17 -13.07 -24.71
N ASN C 42 1.05 -13.39 -24.07
CA ASN C 42 0.95 -14.62 -23.29
C ASN C 42 0.97 -15.91 -24.12
N LYS C 43 0.82 -15.78 -25.43
CA LYS C 43 0.83 -16.96 -26.29
C LYS C 43 2.09 -17.09 -27.14
N GLU C 44 2.79 -15.98 -27.35
CA GLU C 44 4.02 -15.98 -28.14
C GLU C 44 5.23 -16.36 -27.32
N LEU C 45 5.98 -17.34 -27.80
CA LEU C 45 7.19 -17.80 -27.14
C LEU C 45 8.10 -16.64 -26.75
N GLU C 46 8.27 -15.69 -27.68
CA GLU C 46 9.12 -14.54 -27.42
C GLU C 46 8.28 -13.28 -27.22
N GLY C 47 7.04 -13.48 -26.80
CA GLY C 47 6.15 -12.36 -26.57
C GLY C 47 6.76 -11.27 -25.70
N PRO C 48 7.18 -11.59 -24.46
CA PRO C 48 7.80 -10.66 -23.50
C PRO C 48 8.98 -9.85 -24.05
N GLN C 49 9.95 -10.55 -24.61
CA GLN C 49 11.12 -9.92 -25.16
C GLN C 49 10.76 -8.89 -26.24
N ILE C 50 9.89 -9.28 -27.17
CA ILE C 50 9.50 -8.34 -28.21
C ILE C 50 8.65 -7.18 -27.67
N ALA C 51 7.67 -7.51 -26.84
CA ALA C 51 6.77 -6.52 -26.27
C ALA C 51 7.45 -5.35 -25.56
N VAL C 52 8.35 -5.63 -24.64
CA VAL C 52 9.03 -4.56 -23.92
C VAL C 52 9.78 -3.60 -24.84
N ARG C 53 10.38 -4.14 -25.90
CA ARG C 53 11.10 -3.27 -26.81
C ARG C 53 10.06 -2.44 -27.56
N LEU C 54 8.94 -3.06 -27.94
CA LEU C 54 7.91 -2.33 -28.65
C LEU C 54 7.28 -1.26 -27.74
N LEU C 55 7.02 -1.62 -26.48
CA LEU C 55 6.44 -0.67 -25.55
C LEU C 55 7.39 0.47 -25.28
N ALA C 56 8.65 0.14 -25.04
CA ALA C 56 9.66 1.17 -24.79
C ALA C 56 9.60 2.20 -25.90
N HIS C 57 9.61 1.73 -27.14
CA HIS C 57 9.58 2.66 -28.27
C HIS C 57 8.30 3.49 -28.30
N LYS C 58 7.13 2.88 -28.08
CA LYS C 58 5.88 3.64 -28.07
C LYS C 58 5.90 4.68 -26.95
N ILE C 59 6.46 4.31 -25.80
CA ILE C 59 6.51 5.22 -24.66
C ILE C 59 7.40 6.42 -24.96
N GLN C 60 8.35 6.27 -25.87
CA GLN C 60 9.25 7.37 -26.26
C GLN C 60 8.70 8.17 -27.44
N SER C 61 7.46 7.90 -27.83
CA SER C 61 6.89 8.64 -28.95
C SER C 61 6.74 10.11 -28.62
N PRO C 62 6.99 10.99 -29.59
CA PRO C 62 6.86 12.43 -29.39
C PRO C 62 5.39 12.83 -29.26
N GLN C 63 4.49 11.90 -29.59
CA GLN C 63 3.07 12.17 -29.51
C GLN C 63 2.58 11.67 -28.13
N GLU C 64 2.24 12.63 -27.27
CA GLU C 64 1.79 12.36 -25.90
C GLU C 64 0.71 11.29 -25.67
N TRP C 65 -0.41 11.38 -26.37
CA TRP C 65 -1.51 10.42 -26.17
C TRP C 65 -1.08 9.00 -26.58
N GLU C 66 -0.30 8.89 -27.64
CA GLU C 66 0.17 7.57 -28.07
C GLU C 66 1.03 6.98 -26.94
N ALA C 67 1.92 7.79 -26.41
CA ALA C 67 2.82 7.40 -25.32
C ALA C 67 2.10 7.05 -24.02
N LEU C 68 1.11 7.86 -23.66
CA LEU C 68 0.36 7.62 -22.43
C LEU C 68 -0.42 6.33 -22.53
N GLN C 69 -0.97 6.06 -23.71
CA GLN C 69 -1.72 4.82 -23.90
C GLN C 69 -0.72 3.66 -23.84
N ALA C 70 0.49 3.90 -24.32
CA ALA C 70 1.51 2.86 -24.30
C ALA C 70 1.86 2.50 -22.86
N LEU C 71 1.85 3.51 -22.00
CA LEU C 71 2.14 3.29 -20.58
C LEU C 71 1.03 2.51 -19.91
N THR C 72 -0.20 2.78 -20.31
CA THR C 72 -1.36 2.08 -19.76
C THR C 72 -1.24 0.62 -20.20
N VAL C 73 -0.82 0.41 -21.44
CA VAL C 73 -0.66 -0.94 -21.96
C VAL C 73 0.42 -1.67 -21.14
N LEU C 74 1.51 -0.98 -20.83
CA LEU C 74 2.59 -1.57 -20.05
C LEU C 74 2.07 -1.96 -18.66
N GLU C 75 1.20 -1.13 -18.11
CA GLU C 75 0.63 -1.40 -16.79
C GLU C 75 -0.18 -2.68 -16.86
N ALA C 76 -1.05 -2.77 -17.87
CA ALA C 76 -1.88 -3.94 -18.05
C ALA C 76 -1.02 -5.21 -18.23
N CYS C 77 0.08 -5.10 -18.97
CA CYS C 77 0.95 -6.28 -19.17
C CYS C 77 1.55 -6.78 -17.86
N LYS C 79 0.21 -6.77 -15.04
CA LYS C 79 -0.82 -7.52 -14.35
C LYS C 79 -1.28 -8.79 -15.08
N ASN C 80 -1.24 -8.78 -16.41
CA ASN C 80 -1.72 -9.92 -17.19
C ASN C 80 -0.68 -10.85 -17.80
N CYS C 81 0.57 -10.42 -17.86
CA CYS C 81 1.56 -11.25 -18.53
C CYS C 81 2.55 -12.05 -17.67
N GLY C 82 2.29 -12.11 -16.37
CA GLY C 82 3.11 -12.90 -15.47
C GLY C 82 4.60 -12.63 -15.30
N ARG C 83 5.25 -13.59 -14.65
CA ARG C 83 6.67 -13.51 -14.36
C ARG C 83 7.55 -13.42 -15.60
N ARG C 84 7.20 -14.16 -16.65
CA ARG C 84 7.98 -14.12 -17.87
C ARG C 84 8.03 -12.68 -18.41
N PHE C 85 6.94 -11.93 -18.25
CA PHE C 85 6.97 -10.54 -18.69
C PHE C 85 7.79 -9.72 -17.68
N HIS C 86 7.55 -9.91 -16.38
CA HIS C 86 8.28 -9.18 -15.35
C HIS C 86 9.79 -9.33 -15.50
N ASN C 87 10.24 -10.55 -15.80
CA ASN C 87 11.65 -10.84 -15.97
C ASN C 87 12.27 -9.97 -17.07
N GLU C 88 11.48 -9.66 -18.09
CA GLU C 88 11.97 -8.87 -19.22
C GLU C 88 11.96 -7.38 -18.85
N VAL C 89 11.00 -6.95 -18.05
CA VAL C 89 10.94 -5.56 -17.64
C VAL C 89 12.08 -5.25 -16.65
N GLY C 90 12.49 -6.26 -15.89
CA GLY C 90 13.54 -6.08 -14.92
C GLY C 90 14.96 -6.13 -15.48
N LYS C 91 15.13 -5.82 -16.76
CA LYS C 91 16.44 -5.81 -17.38
C LYS C 91 16.82 -4.41 -17.81
N PHE C 92 18.09 -4.07 -17.66
CA PHE C 92 18.54 -2.75 -18.05
C PHE C 92 18.26 -2.50 -19.53
N ARG C 93 18.23 -3.56 -20.32
CA ARG C 93 17.95 -3.45 -21.75
C ARG C 93 16.64 -2.69 -21.93
N PHE C 94 15.68 -2.97 -21.06
CA PHE C 94 14.40 -2.28 -21.12
C PHE C 94 14.41 -1.03 -20.22
N LEU C 95 14.86 -1.18 -18.98
CA LEU C 95 14.89 -0.08 -18.03
C LEU C 95 15.65 1.18 -18.53
N ASN C 96 16.72 0.98 -19.29
CA ASN C 96 17.48 2.12 -19.80
C ASN C 96 16.64 2.99 -20.70
N GLU C 97 15.72 2.37 -21.43
CA GLU C 97 14.83 3.11 -22.32
C GLU C 97 13.90 4.02 -21.51
N LEU C 98 13.44 3.56 -20.34
CA LEU C 98 12.59 4.41 -19.51
C LEU C 98 13.42 5.54 -18.89
N ILE C 99 14.66 5.24 -18.53
CA ILE C 99 15.54 6.25 -17.94
C ILE C 99 15.67 7.41 -18.93
N LYS C 100 15.89 7.08 -20.20
CA LYS C 100 16.03 8.09 -21.25
C LYS C 100 14.82 9.00 -21.35
N VAL C 101 13.63 8.45 -21.11
CA VAL C 101 12.40 9.25 -21.17
C VAL C 101 12.33 10.33 -20.10
N VAL C 102 12.81 10.01 -18.90
CA VAL C 102 12.75 10.96 -17.80
C VAL C 102 14.00 11.82 -17.57
N SER C 103 15.14 11.40 -18.12
CA SER C 103 16.39 12.15 -17.95
C SER C 103 16.59 13.26 -18.98
N PRO C 104 16.90 14.49 -18.51
CA PRO C 104 17.13 15.70 -19.30
C PRO C 104 18.30 15.55 -20.28
N LYS C 105 19.24 14.67 -19.95
CA LYS C 105 20.39 14.44 -20.78
C LYS C 105 20.04 13.59 -22.00
N TYR C 106 18.86 12.99 -22.01
CA TYR C 106 18.43 12.21 -23.16
C TYR C 106 17.17 12.81 -23.76
N LEU C 107 16.04 12.11 -23.63
CA LEU C 107 14.77 12.57 -24.19
C LEU C 107 13.98 13.50 -23.27
N GLY C 108 14.32 13.47 -21.98
CA GLY C 108 13.63 14.26 -20.97
C GLY C 108 13.13 15.67 -21.30
N ASP C 109 13.97 16.51 -21.88
CA ASP C 109 13.56 17.88 -22.18
C ASP C 109 12.45 18.01 -23.21
N ARG C 110 12.22 16.98 -24.01
CA ARG C 110 11.17 17.05 -25.00
C ARG C 110 10.08 16.00 -24.80
N VAL C 111 9.89 15.62 -23.54
CA VAL C 111 8.85 14.65 -23.19
C VAL C 111 7.91 15.37 -22.23
N SER C 112 6.61 15.11 -22.36
CA SER C 112 5.63 15.76 -21.48
C SER C 112 5.80 15.35 -20.02
N GLU C 113 5.44 16.28 -19.13
CA GLU C 113 5.52 16.02 -17.70
C GLU C 113 4.59 14.88 -17.32
N LYS C 114 3.43 14.83 -17.97
CA LYS C 114 2.46 13.77 -17.70
C LYS C 114 3.12 12.42 -17.95
N VAL C 115 3.77 12.31 -19.10
CA VAL C 115 4.43 11.06 -19.46
C VAL C 115 5.55 10.71 -18.51
N LYS C 116 6.32 11.72 -18.11
CA LYS C 116 7.44 11.48 -17.20
C LYS C 116 6.98 11.13 -15.79
N THR C 117 5.89 11.75 -15.35
CA THR C 117 5.38 11.50 -14.02
C THR C 117 4.89 10.04 -13.94
N LYS C 118 4.22 9.59 -14.99
CA LYS C 118 3.70 8.24 -15.03
C LYS C 118 4.85 7.23 -15.02
N VAL C 119 5.90 7.48 -15.80
CA VAL C 119 7.06 6.58 -15.82
C VAL C 119 7.64 6.43 -14.41
N ILE C 120 7.83 7.56 -13.72
CA ILE C 120 8.36 7.57 -12.35
C ILE C 120 7.46 6.72 -11.45
N GLU C 121 6.16 6.98 -11.55
CA GLU C 121 5.15 6.26 -10.78
C GLU C 121 5.31 4.77 -10.94
N LEU C 122 5.35 4.33 -12.20
CA LEU C 122 5.49 2.94 -12.54
C LEU C 122 6.78 2.33 -11.99
N LEU C 123 7.91 3.01 -12.20
CA LEU C 123 9.18 2.49 -11.70
C LEU C 123 9.13 2.33 -10.20
N TYR C 124 8.61 3.35 -9.51
CA TYR C 124 8.50 3.31 -8.06
C TYR C 124 7.64 2.11 -7.63
N SER C 125 6.45 2.01 -8.22
CA SER C 125 5.53 0.93 -7.90
C SER C 125 6.17 -0.45 -8.06
N TRP C 126 6.99 -0.60 -9.09
CA TRP C 126 7.63 -1.89 -9.34
C TRP C 126 8.67 -2.27 -8.29
N THR C 127 9.33 -1.29 -7.70
CA THR C 127 10.32 -1.60 -6.67
C THR C 127 9.61 -2.29 -5.51
N ALA C 129 6.34 -3.95 -5.89
CA ALA C 129 5.63 -5.13 -6.37
C ALA C 129 6.56 -6.28 -6.77
N LEU C 130 7.75 -5.94 -7.26
CA LEU C 130 8.71 -6.96 -7.67
C LEU C 130 10.03 -6.78 -6.91
N PRO C 131 10.01 -7.00 -5.58
CA PRO C 131 11.17 -6.86 -4.70
C PRO C 131 12.42 -7.62 -5.13
N GLU C 132 12.24 -8.77 -5.76
CA GLU C 132 13.37 -9.58 -6.20
C GLU C 132 14.02 -9.10 -7.50
N GLU C 133 13.38 -8.14 -8.16
CA GLU C 133 13.88 -7.58 -9.41
C GLU C 133 14.85 -6.46 -9.06
N ALA C 134 16.08 -6.84 -8.74
CA ALA C 134 17.14 -5.91 -8.33
C ALA C 134 17.43 -4.75 -9.28
N LYS C 135 17.47 -5.02 -10.57
CA LYS C 135 17.77 -3.96 -11.53
C LYS C 135 16.75 -2.82 -11.51
N ILE C 136 15.48 -3.14 -11.25
CA ILE C 136 14.47 -2.09 -11.21
C ILE C 136 14.81 -1.10 -10.10
N LYS C 137 15.23 -1.63 -8.95
CA LYS C 137 15.59 -0.77 -7.83
C LYS C 137 16.85 0.02 -8.16
N ASP C 138 17.84 -0.64 -8.76
CA ASP C 138 19.07 0.03 -9.14
C ASP C 138 18.68 1.23 -10.01
N ALA C 139 17.83 0.95 -11.00
CA ALA C 139 17.39 1.99 -11.92
C ALA C 139 16.74 3.14 -11.16
N TYR C 140 15.73 2.82 -10.35
CA TYR C 140 15.02 3.85 -9.60
C TYR C 140 15.93 4.60 -8.63
N HIS C 141 16.84 3.87 -7.98
CA HIS C 141 17.75 4.48 -7.03
C HIS C 141 18.74 5.41 -7.71
N LEU C 143 18.07 7.17 -10.41
CA LEU C 143 17.27 8.35 -10.73
C LEU C 143 17.21 9.30 -9.55
N LYS C 144 17.08 8.75 -8.35
CA LYS C 144 17.01 9.58 -7.14
C LYS C 144 18.36 10.16 -6.76
N ARG C 145 19.39 9.32 -6.66
CA ARG C 145 20.70 9.84 -6.31
C ARG C 145 21.22 10.86 -7.32
N GLN C 146 20.71 10.80 -8.55
CA GLN C 146 21.12 11.73 -9.59
C GLN C 146 20.24 12.98 -9.67
N GLY C 147 19.28 13.09 -8.76
CA GLY C 147 18.42 14.26 -8.76
C GLY C 147 17.25 14.33 -9.71
N ILE C 148 17.04 13.32 -10.56
CA ILE C 148 15.90 13.37 -11.48
C ILE C 148 14.61 13.22 -10.71
N VAL C 149 14.61 12.34 -9.71
CA VAL C 149 13.44 12.14 -8.87
C VAL C 149 13.81 12.81 -7.53
N GLN C 150 13.10 13.87 -7.19
CA GLN C 150 13.37 14.60 -5.95
C GLN C 150 12.97 13.80 -4.72
N SER C 151 11.83 13.13 -4.78
CA SER C 151 11.31 12.32 -3.68
C SER C 151 10.31 11.32 -4.21
N ASP C 152 10.05 10.25 -3.46
CA ASP C 152 9.10 9.25 -3.89
C ASP C 152 7.75 9.90 -4.15
N PRO C 153 7.17 9.64 -5.32
CA PRO C 153 5.87 10.23 -5.64
C PRO C 153 4.70 9.47 -5.03
N PRO C 154 3.55 10.14 -4.90
CA PRO C 154 2.38 9.46 -4.33
C PRO C 154 1.88 8.60 -5.49
N ILE C 155 1.27 7.46 -5.18
CA ILE C 155 0.76 6.60 -6.24
C ILE C 155 -0.63 6.13 -5.93
N PRO C 156 -1.39 5.75 -6.97
CA PRO C 156 -2.77 5.27 -6.77
C PRO C 156 -2.74 4.07 -5.81
N VAL C 157 -3.80 3.91 -5.04
CA VAL C 157 -3.89 2.81 -4.09
C VAL C 157 -4.13 1.47 -4.78
N ASP C 158 -3.13 0.60 -4.76
CA ASP C 158 -3.29 -0.74 -5.33
C ASP C 158 -2.80 -1.68 -4.25
N ARG C 159 -3.76 -2.29 -3.56
CA ARG C 159 -3.44 -3.19 -2.46
C ARG C 159 -2.78 -4.49 -2.90
N THR C 160 -2.70 -4.75 -4.20
CA THR C 160 -2.05 -5.97 -4.67
C THR C 160 -0.53 -5.76 -4.58
N LEU C 161 -0.12 -4.54 -4.24
CA LEU C 161 1.29 -4.23 -4.11
C LEU C 161 1.77 -4.74 -2.74
N ILE C 162 1.24 -5.88 -2.34
CA ILE C 162 1.59 -6.52 -1.06
C ILE C 162 1.34 -5.57 0.11
N ASP D 7 22.52 -8.85 -20.67
CA ASP D 7 21.85 -7.58 -20.38
C ASP D 7 22.86 -6.44 -20.44
N ASP D 8 22.42 -5.26 -20.84
CA ASP D 8 23.32 -4.12 -20.91
C ASP D 8 23.50 -3.62 -19.49
N HIS D 9 24.34 -2.62 -19.32
CA HIS D 9 24.56 -2.06 -18.00
C HIS D 9 23.65 -0.86 -17.82
N LEU D 10 23.50 -0.41 -16.57
CA LEU D 10 22.66 0.73 -16.29
C LEU D 10 23.15 1.90 -17.12
N LEU D 11 22.26 2.44 -17.94
CA LEU D 11 22.56 3.57 -18.81
C LEU D 11 23.42 4.64 -18.12
N PRO D 12 24.40 5.20 -18.85
CA PRO D 12 25.28 6.23 -18.30
C PRO D 12 24.53 7.53 -18.00
N MET D 13 25.16 8.37 -17.19
CA MET D 13 24.60 9.66 -16.80
C MET D 13 25.77 10.60 -16.50
N SER E 13 -18.98 2.57 -7.05
CA SER E 13 -19.03 1.47 -6.05
C SER E 13 -18.78 0.13 -6.75
N LEU E 14 -18.37 -0.87 -5.99
CA LEU E 14 -18.12 -2.19 -6.56
C LEU E 14 -19.38 -2.68 -7.24
N GLU E 15 -20.53 -2.46 -6.58
CA GLU E 15 -21.82 -2.86 -7.12
C GLU E 15 -22.05 -2.20 -8.46
N SER E 16 -21.84 -0.88 -8.50
CA SER E 16 -22.05 -0.12 -9.72
C SER E 16 -21.21 -0.66 -10.88
N TRP E 17 -19.93 -0.89 -10.66
CA TRP E 17 -19.08 -1.41 -11.73
C TRP E 17 -19.58 -2.77 -12.21
N LEU E 18 -19.90 -3.65 -11.27
CA LEU E 18 -20.35 -4.99 -11.65
C LEU E 18 -21.66 -4.99 -12.41
N ASN E 19 -22.66 -4.24 -11.92
CA ASN E 19 -23.95 -4.19 -12.59
C ASN E 19 -23.83 -3.73 -14.03
N LYS E 20 -22.89 -2.82 -14.30
CA LYS E 20 -22.71 -2.35 -15.67
C LYS E 20 -21.93 -3.39 -16.47
N ALA E 21 -20.96 -4.03 -15.81
CA ALA E 21 -20.12 -5.05 -16.44
C ALA E 21 -20.82 -6.38 -16.73
N THR E 22 -21.99 -6.60 -16.12
CA THR E 22 -22.71 -7.85 -16.36
C THR E 22 -24.18 -7.61 -16.74
N ASN E 23 -24.51 -6.37 -17.08
CA ASN E 23 -25.88 -6.02 -17.46
C ASN E 23 -26.32 -6.89 -18.63
N PRO E 24 -27.44 -7.61 -18.45
CA PRO E 24 -27.98 -8.49 -19.50
C PRO E 24 -28.32 -7.74 -20.79
N SER E 25 -28.39 -6.41 -20.70
CA SER E 25 -28.70 -5.57 -21.85
C SER E 25 -27.50 -5.34 -22.76
N ASN E 26 -26.30 -5.51 -22.21
CA ASN E 26 -25.07 -5.29 -22.99
C ASN E 26 -25.12 -6.01 -24.32
N ARG E 27 -24.88 -5.27 -25.39
CA ARG E 27 -24.87 -5.83 -26.74
C ARG E 27 -23.60 -6.64 -26.91
N GLN E 28 -22.66 -6.42 -26.01
CA GLN E 28 -21.37 -7.12 -26.03
C GLN E 28 -20.63 -6.81 -24.74
N GLU E 29 -19.59 -7.57 -24.46
CA GLU E 29 -18.80 -7.36 -23.27
C GLU E 29 -18.30 -5.92 -23.26
N ASP E 30 -18.28 -5.31 -22.08
CA ASP E 30 -17.78 -3.96 -21.93
C ASP E 30 -16.60 -4.00 -20.98
N TRP E 31 -15.40 -4.16 -21.56
CA TRP E 31 -14.18 -4.25 -20.77
C TRP E 31 -13.82 -3.03 -19.95
N GLU E 32 -14.43 -1.90 -20.28
CA GLU E 32 -14.16 -0.67 -19.54
C GLU E 32 -14.67 -0.88 -18.12
N TYR E 33 -15.87 -1.44 -18.02
CA TYR E 33 -16.50 -1.69 -16.73
C TYR E 33 -15.90 -2.91 -16.04
N ILE E 34 -15.44 -3.88 -16.83
CA ILE E 34 -14.83 -5.08 -16.27
C ILE E 34 -13.54 -4.71 -15.54
N ILE E 35 -12.67 -3.97 -16.24
CA ILE E 35 -11.40 -3.54 -15.66
C ILE E 35 -11.68 -2.61 -14.49
N GLY E 36 -12.68 -1.75 -14.65
CA GLY E 36 -13.03 -0.82 -13.58
C GLY E 36 -13.37 -1.52 -12.28
N PHE E 37 -14.08 -2.63 -12.39
CA PHE E 37 -14.46 -3.45 -11.24
C PHE E 37 -13.18 -3.99 -10.60
N CYS E 38 -12.25 -4.43 -11.44
CA CYS E 38 -10.97 -4.96 -10.95
C CYS E 38 -10.20 -3.91 -10.16
N ASP E 39 -10.10 -2.70 -10.72
CA ASP E 39 -9.40 -1.60 -10.05
C ASP E 39 -10.11 -1.21 -8.76
N GLN E 40 -11.43 -1.34 -8.72
CA GLN E 40 -12.14 -0.98 -7.50
C GLN E 40 -11.74 -1.94 -6.39
N ILE E 41 -11.75 -3.22 -6.70
CA ILE E 41 -11.37 -4.26 -5.77
C ILE E 41 -9.98 -3.97 -5.20
N ASN E 42 -9.05 -3.63 -6.09
CA ASN E 42 -7.69 -3.34 -5.68
C ASN E 42 -7.57 -2.13 -4.76
N LYS E 43 -8.54 -1.22 -4.84
CA LYS E 43 -8.57 0.00 -4.01
C LYS E 43 -9.19 -0.24 -2.64
N GLU E 44 -10.20 -1.11 -2.58
CA GLU E 44 -10.94 -1.37 -1.33
C GLU E 44 -10.36 -2.38 -0.36
N LEU E 45 -10.44 -2.03 0.92
CA LEU E 45 -9.95 -2.86 2.01
C LEU E 45 -10.70 -4.20 2.07
N GLU E 46 -11.98 -4.17 1.72
CA GLU E 46 -12.81 -5.36 1.73
C GLU E 46 -13.27 -5.71 0.30
N GLY E 47 -12.55 -5.18 -0.69
CA GLY E 47 -12.89 -5.42 -2.09
C GLY E 47 -13.02 -6.90 -2.44
N PRO E 48 -12.04 -7.74 -2.07
CA PRO E 48 -12.06 -9.18 -2.37
C PRO E 48 -13.27 -9.92 -1.79
N GLN E 49 -13.51 -9.72 -0.50
CA GLN E 49 -14.62 -10.38 0.19
C GLN E 49 -15.99 -9.91 -0.33
N ILE E 50 -16.08 -8.63 -0.69
CA ILE E 50 -17.32 -8.07 -1.19
C ILE E 50 -17.56 -8.53 -2.63
N ALA E 51 -16.52 -8.44 -3.44
CA ALA E 51 -16.60 -8.82 -4.85
C ALA E 51 -17.05 -10.25 -5.08
N VAL E 52 -16.47 -11.22 -4.36
CA VAL E 52 -16.84 -12.61 -4.57
C VAL E 52 -18.31 -12.89 -4.23
N ARG E 53 -18.85 -12.19 -3.22
CA ARG E 53 -20.25 -12.39 -2.89
C ARG E 53 -21.09 -11.81 -4.02
N LEU E 54 -20.68 -10.64 -4.51
CA LEU E 54 -21.39 -9.99 -5.61
C LEU E 54 -21.35 -10.88 -6.85
N LEU E 55 -20.17 -11.43 -7.13
CA LEU E 55 -19.98 -12.28 -8.29
C LEU E 55 -20.74 -13.60 -8.15
N ALA E 56 -20.67 -14.19 -6.96
CA ALA E 56 -21.36 -15.46 -6.69
C ALA E 56 -22.80 -15.34 -7.13
N HIS E 57 -23.42 -14.22 -6.77
CA HIS E 57 -24.82 -13.95 -7.11
C HIS E 57 -25.03 -13.79 -8.61
N LYS E 58 -24.20 -12.98 -9.27
CA LYS E 58 -24.33 -12.77 -10.71
C LYS E 58 -24.16 -14.06 -11.49
N ILE E 59 -23.27 -14.92 -11.00
CA ILE E 59 -23.00 -16.20 -11.66
C ILE E 59 -24.18 -17.17 -11.62
N GLN E 60 -25.07 -17.00 -10.64
CA GLN E 60 -26.23 -17.88 -10.53
C GLN E 60 -27.47 -17.28 -11.17
N SER E 61 -27.30 -16.21 -11.93
CA SER E 61 -28.44 -15.57 -12.57
C SER E 61 -29.10 -16.49 -13.59
N PRO E 62 -30.44 -16.45 -13.67
CA PRO E 62 -31.18 -17.28 -14.62
C PRO E 62 -31.03 -16.72 -16.01
N GLN E 63 -30.56 -15.46 -16.08
CA GLN E 63 -30.34 -14.78 -17.34
C GLN E 63 -28.90 -15.09 -17.79
N GLU E 64 -28.74 -16.14 -18.59
CA GLU E 64 -27.43 -16.59 -19.07
C GLU E 64 -26.36 -15.55 -19.41
N TRP E 65 -26.72 -14.51 -20.14
CA TRP E 65 -25.76 -13.49 -20.53
C TRP E 65 -25.21 -12.81 -19.29
N GLU E 66 -26.06 -12.63 -18.29
CA GLU E 66 -25.62 -12.00 -17.05
C GLU E 66 -24.58 -12.90 -16.37
N ALA E 67 -24.86 -14.20 -16.31
CA ALA E 67 -23.94 -15.14 -15.67
C ALA E 67 -22.64 -15.27 -16.44
N LEU E 68 -22.73 -15.36 -17.77
CA LEU E 68 -21.54 -15.48 -18.62
C LEU E 68 -20.60 -14.29 -18.46
N GLN E 69 -21.17 -13.09 -18.47
CA GLN E 69 -20.34 -11.89 -18.30
C GLN E 69 -19.74 -11.89 -16.91
N ALA E 70 -20.49 -12.38 -15.94
CA ALA E 70 -20.02 -12.44 -14.56
C ALA E 70 -18.81 -13.37 -14.47
N LEU E 71 -18.85 -14.49 -15.20
CA LEU E 71 -17.73 -15.43 -15.19
C LEU E 71 -16.52 -14.79 -15.87
N THR E 72 -16.76 -13.95 -16.87
CA THR E 72 -15.68 -13.25 -17.55
C THR E 72 -15.04 -12.26 -16.57
N VAL E 73 -15.87 -11.56 -15.80
CA VAL E 73 -15.36 -10.62 -14.82
C VAL E 73 -14.54 -11.38 -13.77
N LEU E 74 -15.07 -12.50 -13.31
CA LEU E 74 -14.39 -13.34 -12.31
C LEU E 74 -13.00 -13.71 -12.80
N GLU E 75 -12.93 -14.17 -14.04
CA GLU E 75 -11.67 -14.56 -14.66
C GLU E 75 -10.71 -13.36 -14.72
N ALA E 76 -11.24 -12.19 -15.04
CA ALA E 76 -10.43 -10.98 -15.11
C ALA E 76 -9.92 -10.58 -13.74
N CYS E 77 -10.74 -10.78 -12.71
CA CYS E 77 -10.32 -10.45 -11.35
C CYS E 77 -9.17 -11.35 -10.93
N LYS E 79 -6.93 -12.48 -12.77
CA LYS E 79 -5.71 -11.99 -13.42
C LYS E 79 -5.23 -10.64 -12.88
N ASN E 80 -6.16 -9.78 -12.48
CA ASN E 80 -5.81 -8.44 -12.02
C ASN E 80 -5.88 -8.12 -10.54
N CYS E 81 -6.49 -8.98 -9.73
CA CYS E 81 -6.63 -8.67 -8.32
C CYS E 81 -5.77 -9.41 -7.31
N GLY E 82 -4.71 -10.03 -7.81
CA GLY E 82 -3.76 -10.71 -6.95
C GLY E 82 -4.20 -11.77 -5.95
N ARG E 83 -3.25 -12.09 -5.06
CA ARG E 83 -3.44 -13.10 -4.03
C ARG E 83 -4.58 -12.84 -3.06
N ARG E 84 -4.80 -11.59 -2.69
CA ARG E 84 -5.88 -11.26 -1.77
C ARG E 84 -7.22 -11.68 -2.36
N PHE E 85 -7.35 -11.58 -3.69
CA PHE E 85 -8.58 -12.00 -4.34
C PHE E 85 -8.62 -13.54 -4.46
N HIS E 86 -7.48 -14.13 -4.82
CA HIS E 86 -7.39 -15.60 -4.95
C HIS E 86 -7.79 -16.26 -3.62
N ASN E 87 -7.39 -15.64 -2.51
CA ASN E 87 -7.70 -16.16 -1.20
C ASN E 87 -9.19 -16.16 -0.88
N GLU E 88 -9.94 -15.23 -1.46
CA GLU E 88 -11.38 -15.21 -1.20
C GLU E 88 -12.08 -16.25 -2.06
N VAL E 89 -11.56 -16.43 -3.28
CA VAL E 89 -12.12 -17.41 -4.20
C VAL E 89 -11.78 -18.81 -3.70
N GLY E 90 -10.63 -18.94 -3.04
CA GLY E 90 -10.21 -20.22 -2.53
C GLY E 90 -10.85 -20.66 -1.22
N LYS E 91 -12.03 -20.13 -0.91
CA LYS E 91 -12.74 -20.49 0.31
C LYS E 91 -14.05 -21.16 -0.04
N PHE E 92 -14.41 -22.19 0.73
CA PHE E 92 -15.65 -22.92 0.50
C PHE E 92 -16.84 -21.98 0.51
N ARG E 93 -16.69 -20.86 1.21
CA ARG E 93 -17.74 -19.88 1.29
C ARG E 93 -18.11 -19.45 -0.14
N PHE E 94 -17.10 -19.31 -1.00
CA PHE E 94 -17.37 -18.93 -2.38
C PHE E 94 -17.49 -20.17 -3.25
N LEU E 95 -16.56 -21.11 -3.09
CA LEU E 95 -16.56 -22.33 -3.89
C LEU E 95 -17.90 -23.07 -3.90
N ASN E 96 -18.58 -23.13 -2.76
CA ASN E 96 -19.86 -23.82 -2.70
C ASN E 96 -20.90 -23.19 -3.61
N GLU E 97 -20.81 -21.87 -3.79
CA GLU E 97 -21.75 -21.17 -4.65
C GLU E 97 -21.57 -21.61 -6.10
N LEU E 98 -20.33 -21.91 -6.50
CA LEU E 98 -20.07 -22.35 -7.86
C LEU E 98 -20.58 -23.79 -8.02
N ILE E 99 -20.29 -24.63 -7.02
CA ILE E 99 -20.72 -26.02 -7.06
C ILE E 99 -22.23 -26.11 -7.23
N LYS E 100 -22.95 -25.16 -6.63
CA LYS E 100 -24.40 -25.16 -6.74
C LYS E 100 -24.81 -24.87 -8.17
N VAL E 101 -23.95 -24.19 -8.91
CA VAL E 101 -24.23 -23.86 -10.31
C VAL E 101 -24.06 -25.05 -11.25
N VAL E 102 -23.28 -26.04 -10.85
CA VAL E 102 -23.06 -27.19 -11.72
C VAL E 102 -23.65 -28.50 -11.22
N SER E 103 -23.96 -28.56 -9.93
CA SER E 103 -24.52 -29.77 -9.34
C SER E 103 -26.01 -29.91 -9.62
N PRO E 104 -26.43 -31.09 -10.13
CA PRO E 104 -27.83 -31.35 -10.44
C PRO E 104 -28.66 -31.23 -9.16
N LYS E 105 -28.10 -31.76 -8.08
CA LYS E 105 -28.72 -31.76 -6.78
C LYS E 105 -29.13 -30.36 -6.30
N TYR E 106 -28.61 -29.32 -6.96
CA TYR E 106 -28.94 -27.94 -6.58
C TYR E 106 -29.51 -27.14 -7.74
N LEU E 107 -28.65 -26.37 -8.42
CA LEU E 107 -29.10 -25.55 -9.56
C LEU E 107 -28.71 -26.15 -10.91
N GLY E 108 -27.86 -27.17 -10.87
CA GLY E 108 -27.40 -27.81 -12.09
C GLY E 108 -28.41 -28.01 -13.21
N ASP E 109 -29.56 -28.58 -12.88
CA ASP E 109 -30.60 -28.84 -13.86
C ASP E 109 -31.22 -27.61 -14.51
N ARG E 110 -31.12 -26.45 -13.87
CA ARG E 110 -31.69 -25.23 -14.42
C ARG E 110 -30.65 -24.26 -14.96
N VAL E 111 -29.40 -24.70 -15.05
CA VAL E 111 -28.32 -23.86 -15.55
C VAL E 111 -27.84 -24.35 -16.92
N SER E 112 -27.65 -23.42 -17.85
CA SER E 112 -27.20 -23.75 -19.20
C SER E 112 -25.87 -24.49 -19.18
N GLU E 113 -25.59 -25.22 -20.25
CA GLU E 113 -24.34 -25.95 -20.33
C GLU E 113 -23.15 -25.01 -20.54
N LYS E 114 -23.39 -23.85 -21.15
CA LYS E 114 -22.31 -22.89 -21.35
C LYS E 114 -21.76 -22.42 -20.01
N VAL E 115 -22.65 -22.01 -19.12
CA VAL E 115 -22.25 -21.54 -17.79
C VAL E 115 -21.56 -22.67 -17.03
N LYS E 116 -22.22 -23.83 -17.00
CA LYS E 116 -21.67 -24.99 -16.31
C LYS E 116 -20.29 -25.36 -16.84
N THR E 117 -20.12 -25.33 -18.15
CA THR E 117 -18.84 -25.66 -18.77
C THR E 117 -17.78 -24.62 -18.46
N LYS E 118 -18.19 -23.35 -18.39
CA LYS E 118 -17.24 -22.29 -18.07
C LYS E 118 -16.80 -22.43 -16.61
N VAL E 119 -17.75 -22.76 -15.74
CA VAL E 119 -17.43 -22.92 -14.33
C VAL E 119 -16.47 -24.08 -14.07
N ILE E 120 -16.73 -25.22 -14.72
CA ILE E 120 -15.87 -26.39 -14.57
C ILE E 120 -14.48 -26.07 -15.12
N GLU E 121 -14.43 -25.39 -16.25
CA GLU E 121 -13.18 -24.97 -16.88
C GLU E 121 -12.35 -24.10 -15.95
N LEU E 122 -13.00 -23.13 -15.33
CA LEU E 122 -12.32 -22.21 -14.42
C LEU E 122 -11.81 -22.93 -13.17
N LEU E 123 -12.63 -23.81 -12.64
CA LEU E 123 -12.29 -24.60 -11.46
C LEU E 123 -11.03 -25.43 -11.67
N TYR E 124 -11.04 -26.21 -12.75
CA TYR E 124 -9.91 -27.06 -13.09
C TYR E 124 -8.68 -26.20 -13.40
N SER E 125 -8.90 -25.07 -14.05
CA SER E 125 -7.80 -24.19 -14.40
C SER E 125 -7.11 -23.69 -13.14
N TRP E 126 -7.90 -23.44 -12.09
CA TRP E 126 -7.34 -22.97 -10.84
C TRP E 126 -6.54 -24.03 -10.08
N THR E 127 -6.94 -25.30 -10.16
CA THR E 127 -6.20 -26.34 -9.46
C THR E 127 -4.79 -26.40 -10.06
N ALA E 129 -3.27 -23.72 -11.87
CA ALA E 129 -2.59 -22.44 -11.67
C ALA E 129 -2.34 -22.00 -10.24
N LEU E 130 -3.21 -22.38 -9.30
CA LEU E 130 -3.06 -21.97 -7.91
C LEU E 130 -2.72 -23.11 -6.97
N PRO E 131 -1.44 -23.48 -6.91
CA PRO E 131 -0.94 -24.56 -6.06
C PRO E 131 -1.40 -24.42 -4.61
N GLU E 132 -1.21 -23.21 -4.08
CA GLU E 132 -1.54 -22.84 -2.71
C GLU E 132 -3.00 -22.95 -2.29
N GLU E 133 -3.90 -22.75 -3.23
CA GLU E 133 -5.33 -22.81 -2.94
C GLU E 133 -5.84 -24.25 -2.89
N ALA E 134 -5.54 -24.93 -1.79
CA ALA E 134 -5.92 -26.33 -1.59
C ALA E 134 -7.40 -26.62 -1.66
N LYS E 135 -8.22 -25.71 -1.13
CA LYS E 135 -9.66 -25.92 -1.13
C LYS E 135 -10.26 -26.04 -2.53
N ILE E 136 -9.70 -25.32 -3.49
CA ILE E 136 -10.20 -25.39 -4.86
C ILE E 136 -10.06 -26.82 -5.35
N LYS E 137 -8.91 -27.43 -5.08
CA LYS E 137 -8.67 -28.82 -5.47
C LYS E 137 -9.69 -29.72 -4.78
N ASP E 138 -10.04 -29.40 -3.55
CA ASP E 138 -11.00 -30.21 -2.80
C ASP E 138 -12.38 -30.08 -3.46
N ALA E 139 -12.79 -28.86 -3.75
CA ALA E 139 -14.08 -28.63 -4.40
C ALA E 139 -14.11 -29.35 -5.74
N TYR E 140 -13.02 -29.28 -6.49
CA TYR E 140 -12.96 -29.93 -7.79
C TYR E 140 -12.99 -31.46 -7.63
N HIS E 141 -12.12 -31.98 -6.77
CA HIS E 141 -12.06 -33.43 -6.53
C HIS E 141 -13.42 -33.99 -6.11
N LEU E 143 -16.54 -32.76 -7.13
CA LEU E 143 -17.42 -32.82 -8.28
C LEU E 143 -17.20 -34.09 -9.09
N LYS E 144 -15.97 -34.59 -9.12
CA LYS E 144 -15.68 -35.79 -9.87
C LYS E 144 -16.24 -37.02 -9.13
N ARG E 145 -15.90 -37.14 -7.85
CA ARG E 145 -16.37 -38.26 -7.05
C ARG E 145 -17.89 -38.37 -7.08
N GLN E 146 -18.57 -37.27 -7.42
CA GLN E 146 -20.03 -37.25 -7.48
C GLN E 146 -20.53 -37.41 -8.91
N GLY E 147 -19.61 -37.55 -9.85
CA GLY E 147 -20.00 -37.73 -11.25
C GLY E 147 -20.33 -36.47 -12.01
N ILE E 148 -20.39 -35.33 -11.33
CA ILE E 148 -20.69 -34.07 -12.01
C ILE E 148 -19.65 -33.85 -13.09
N VAL E 149 -18.39 -34.17 -12.77
CA VAL E 149 -17.31 -34.03 -13.73
C VAL E 149 -16.73 -35.43 -13.98
N GLN E 150 -17.02 -35.98 -15.16
CA GLN E 150 -16.55 -37.31 -15.53
C GLN E 150 -15.03 -37.39 -15.65
N SER E 151 -14.44 -36.44 -16.35
CA SER E 151 -12.99 -36.42 -16.53
C SER E 151 -12.51 -34.98 -16.71
N ASP E 152 -11.21 -34.77 -16.54
CA ASP E 152 -10.65 -33.43 -16.67
C ASP E 152 -10.96 -32.86 -18.05
N PRO E 153 -11.49 -31.64 -18.10
CA PRO E 153 -11.83 -30.99 -19.35
C PRO E 153 -10.65 -30.24 -19.95
N PRO E 154 -10.71 -29.97 -21.26
CA PRO E 154 -9.61 -29.23 -21.89
C PRO E 154 -9.84 -27.78 -21.45
N ILE E 155 -8.80 -26.98 -21.37
CA ILE E 155 -8.97 -25.60 -20.94
C ILE E 155 -8.10 -24.65 -21.73
N PRO E 156 -8.46 -23.35 -21.73
CA PRO E 156 -7.66 -22.37 -22.46
C PRO E 156 -6.29 -22.35 -21.80
N VAL E 157 -5.25 -22.13 -22.59
CA VAL E 157 -3.90 -22.08 -22.05
C VAL E 157 -3.10 -21.00 -22.74
N ASP E 158 -1.93 -20.70 -22.16
CA ASP E 158 -1.00 -19.72 -22.69
C ASP E 158 0.32 -19.88 -21.92
N ARG E 159 1.35 -19.11 -22.27
CA ARG E 159 2.65 -19.24 -21.62
C ARG E 159 2.66 -18.95 -20.12
N THR E 160 1.69 -18.17 -19.64
CA THR E 160 1.67 -17.86 -18.21
C THR E 160 1.13 -19.06 -17.45
N LEU E 161 1.20 -20.21 -18.10
CA LEU E 161 0.78 -21.47 -17.51
C LEU E 161 1.55 -22.62 -18.16
N ASP F 7 -14.26 -20.30 8.16
CA ASP F 7 -14.77 -20.60 6.79
C ASP F 7 -15.73 -21.80 6.77
N ASP F 8 -16.71 -21.73 5.87
CA ASP F 8 -17.69 -22.80 5.73
C ASP F 8 -17.02 -24.14 5.42
N HIS F 9 -17.82 -25.20 5.36
CA HIS F 9 -17.29 -26.53 5.05
C HIS F 9 -17.69 -26.90 3.63
N LEU F 10 -17.01 -27.90 3.07
CA LEU F 10 -17.30 -28.36 1.71
C LEU F 10 -18.78 -28.76 1.64
N LEU F 11 -19.49 -28.24 0.64
CA LEU F 11 -20.91 -28.52 0.45
C LEU F 11 -21.23 -30.00 0.65
N GLY G 4 20.18 -11.12 2.49
CA GLY G 4 18.84 -10.49 2.30
C GLY G 4 18.92 -9.01 2.01
N SER G 5 17.80 -8.33 2.10
CA SER G 5 17.74 -6.90 1.83
C SER G 5 18.56 -6.04 2.80
N ALA G 7 21.55 -6.39 3.52
CA ALA G 7 22.83 -6.19 2.84
C ALA G 7 22.67 -5.47 1.51
N GLU G 8 21.44 -5.10 1.18
CA GLU G 8 21.19 -4.42 -0.08
C GLU G 8 20.92 -2.95 0.17
N ALA G 9 20.44 -2.26 -0.87
CA ALA G 9 20.15 -0.84 -0.79
C ALA G 9 19.19 -0.45 0.34
N GLU G 10 18.20 -1.28 0.63
CA GLU G 10 17.24 -0.98 1.69
C GLU G 10 17.93 -0.87 3.05
N GLY G 11 18.80 -1.83 3.36
CA GLY G 11 19.49 -1.80 4.62
C GLY G 11 20.43 -0.61 4.70
N GLU G 12 21.13 -0.31 3.61
CA GLU G 12 22.07 0.81 3.56
C GLU G 12 21.36 2.13 3.81
N SER G 13 20.26 2.33 3.09
CA SER G 13 19.48 3.55 3.19
C SER G 13 18.90 3.73 4.60
N LEU G 14 18.29 2.69 5.15
CA LEU G 14 17.73 2.80 6.49
C LEU G 14 18.82 3.12 7.51
N GLU G 15 19.94 2.40 7.45
CA GLU G 15 21.01 2.69 8.40
C GLU G 15 21.54 4.10 8.20
N SER G 16 21.56 4.56 6.94
CA SER G 16 22.03 5.91 6.66
C SER G 16 21.12 6.90 7.38
N TRP G 17 19.82 6.64 7.34
CA TRP G 17 18.85 7.49 8.02
C TRP G 17 19.00 7.43 9.53
N LEU G 18 19.22 6.23 10.08
CA LEU G 18 19.37 6.09 11.52
C LEU G 18 20.62 6.81 11.99
N ASN G 19 21.66 6.82 11.14
CA ASN G 19 22.90 7.51 11.48
C ASN G 19 22.58 8.97 11.77
N LYS G 20 21.81 9.60 10.89
CA LYS G 20 21.44 11.00 11.09
C LYS G 20 20.51 11.20 12.29
N ALA G 21 19.62 10.24 12.54
CA ALA G 21 18.69 10.35 13.66
C ALA G 21 19.34 10.07 15.02
N THR G 22 20.54 9.46 15.01
CA THR G 22 21.23 9.15 16.26
C THR G 22 22.65 9.69 16.28
N ASN G 23 22.94 10.59 15.35
CA ASN G 23 24.26 11.21 15.26
C ASN G 23 24.63 11.84 16.62
N PRO G 24 25.76 11.42 17.21
CA PRO G 24 26.20 11.94 18.50
C PRO G 24 26.54 13.43 18.51
N SER G 25 26.67 14.04 17.34
CA SER G 25 26.98 15.46 17.29
C SER G 25 25.70 16.27 17.48
N ASN G 26 24.54 15.63 17.30
CA ASN G 26 23.25 16.29 17.48
C ASN G 26 23.21 16.99 18.84
N ARG G 27 22.77 18.24 18.87
CA ARG G 27 22.68 18.98 20.13
C ARG G 27 21.44 18.54 20.90
N GLN G 28 20.41 18.15 20.18
CA GLN G 28 19.15 17.68 20.77
C GLN G 28 18.58 16.66 19.79
N GLU G 29 17.50 15.99 20.17
CA GLU G 29 16.90 15.04 19.25
C GLU G 29 16.51 15.80 18.00
N ASP G 30 16.78 15.22 16.85
CA ASP G 30 16.47 15.82 15.57
C ASP G 30 15.24 15.08 15.03
N TRP G 31 14.06 15.62 15.32
CA TRP G 31 12.83 14.97 14.92
C TRP G 31 12.64 14.82 13.42
N GLU G 32 13.21 15.73 12.64
CA GLU G 32 13.09 15.61 11.20
C GLU G 32 13.66 14.26 10.79
N TYR G 33 14.86 13.96 11.29
CA TYR G 33 15.53 12.70 10.98
C TYR G 33 14.85 11.52 11.67
N ILE G 34 14.38 11.73 12.90
CA ILE G 34 13.72 10.67 13.65
C ILE G 34 12.44 10.26 12.92
N ILE G 35 11.60 11.24 12.60
CA ILE G 35 10.36 10.96 11.91
C ILE G 35 10.70 10.46 10.52
N GLY G 36 11.75 11.04 9.92
CA GLY G 36 12.16 10.62 8.59
C GLY G 36 12.45 9.12 8.56
N PHE G 37 13.14 8.64 9.58
CA PHE G 37 13.47 7.22 9.67
C PHE G 37 12.16 6.45 9.78
N CYS G 38 11.24 6.93 10.61
CA CYS G 38 9.95 6.26 10.76
C CYS G 38 9.24 6.17 9.40
N ASP G 39 9.31 7.24 8.62
CA ASP G 39 8.65 7.25 7.32
C ASP G 39 9.28 6.28 6.32
N GLN G 40 10.59 6.09 6.42
CA GLN G 40 11.26 5.16 5.54
C GLN G 40 10.79 3.75 5.81
N ILE G 41 10.65 3.40 7.09
CA ILE G 41 10.20 2.07 7.48
C ILE G 41 8.81 1.78 6.93
N ASN G 42 7.92 2.77 7.02
CA ASN G 42 6.56 2.62 6.54
C ASN G 42 6.46 2.42 5.04
N LYS G 43 7.47 2.88 4.31
CA LYS G 43 7.49 2.72 2.85
C LYS G 43 8.11 1.40 2.46
N GLU G 44 9.15 0.98 3.20
CA GLU G 44 9.86 -0.26 2.89
C GLU G 44 9.15 -1.54 3.26
N LEU G 45 9.10 -2.45 2.29
CA LEU G 45 8.46 -3.76 2.44
C LEU G 45 9.05 -4.52 3.62
N GLU G 46 10.36 -4.44 3.78
CA GLU G 46 11.04 -5.11 4.88
C GLU G 46 11.61 -4.10 5.86
N GLY G 47 11.04 -2.89 5.84
CA GLY G 47 11.50 -1.84 6.73
C GLY G 47 11.53 -2.25 8.20
N PRO G 48 10.46 -2.88 8.71
CA PRO G 48 10.41 -3.30 10.12
C PRO G 48 11.49 -4.30 10.53
N GLN G 49 11.66 -5.35 9.74
CA GLN G 49 12.66 -6.39 10.02
C GLN G 49 14.08 -5.83 10.07
N ILE G 50 14.39 -4.96 9.11
CA ILE G 50 15.71 -4.34 9.04
C ILE G 50 15.86 -3.36 10.19
N ALA G 51 14.89 -2.45 10.31
CA ALA G 51 14.92 -1.41 11.34
C ALA G 51 15.15 -1.92 12.77
N VAL G 52 14.44 -2.97 13.19
CA VAL G 52 14.63 -3.45 14.58
C VAL G 52 16.06 -3.93 14.81
N ARG G 53 16.70 -4.47 13.78
CA ARG G 53 18.06 -4.96 13.95
C ARG G 53 19.01 -3.78 14.01
N LEU G 54 18.77 -2.77 13.20
CA LEU G 54 19.63 -1.60 13.21
C LEU G 54 19.48 -0.86 14.53
N LEU G 55 18.25 -0.80 15.04
CA LEU G 55 17.99 -0.13 16.31
C LEU G 55 18.66 -0.87 17.44
N ALA G 56 18.46 -2.18 17.49
CA ALA G 56 19.09 -2.98 18.53
C ALA G 56 20.59 -2.67 18.55
N HIS G 57 21.21 -2.65 17.38
CA HIS G 57 22.65 -2.39 17.34
C HIS G 57 23.01 -0.99 17.84
N LYS G 58 22.24 0.02 17.46
CA LYS G 58 22.52 1.39 17.94
C LYS G 58 22.32 1.47 19.45
N ILE G 59 21.28 0.80 19.94
CA ILE G 59 20.99 0.81 21.38
C ILE G 59 22.13 0.18 22.17
N GLN G 60 22.87 -0.74 21.54
CA GLN G 60 23.99 -1.41 22.20
C GLN G 60 25.31 -0.66 22.00
N SER G 61 25.24 0.52 21.40
CA SER G 61 26.44 1.31 21.17
C SER G 61 27.12 1.69 22.47
N PRO G 62 28.46 1.70 22.49
CA PRO G 62 29.16 2.07 23.73
C PRO G 62 29.05 3.57 23.99
N GLN G 63 28.70 4.34 22.95
CA GLN G 63 28.54 5.78 23.08
C GLN G 63 27.11 6.06 23.54
N GLU G 64 26.99 6.55 24.78
CA GLU G 64 25.69 6.83 25.41
C GLU G 64 24.66 7.64 24.64
N TRP G 65 25.06 8.82 24.19
CA TRP G 65 24.16 9.70 23.46
C TRP G 65 23.65 9.05 22.16
N GLU G 66 24.47 8.25 21.52
CA GLU G 66 24.06 7.57 20.28
C GLU G 66 22.96 6.56 20.61
N ALA G 67 23.16 5.85 21.72
CA ALA G 67 22.22 4.84 22.19
C ALA G 67 20.92 5.47 22.69
N LEU G 68 21.02 6.50 23.51
CA LEU G 68 19.82 7.17 24.01
C LEU G 68 18.95 7.66 22.85
N GLN G 69 19.54 8.35 21.89
CA GLN G 69 18.78 8.81 20.74
C GLN G 69 18.12 7.64 20.02
N ALA G 70 18.85 6.53 19.90
CA ALA G 70 18.32 5.34 19.24
C ALA G 70 17.09 4.86 19.96
N LEU G 71 17.12 4.97 21.29
CA LEU G 71 15.99 4.55 22.11
C LEU G 71 14.80 5.46 21.83
N THR G 72 15.08 6.73 21.60
CA THR G 72 14.02 7.69 21.27
C THR G 72 13.45 7.34 19.90
N VAL G 73 14.33 6.98 18.96
CA VAL G 73 13.86 6.62 17.63
C VAL G 73 12.92 5.42 17.77
N LEU G 74 13.37 4.42 18.52
CA LEU G 74 12.59 3.21 18.76
C LEU G 74 11.20 3.57 19.28
N GLU G 75 11.13 4.49 20.24
CA GLU G 75 9.84 4.92 20.78
C GLU G 75 8.98 5.53 19.68
N ALA G 76 9.58 6.41 18.88
CA ALA G 76 8.87 7.05 17.78
C ALA G 76 8.30 6.01 16.83
N CYS G 77 9.10 4.99 16.49
CA CYS G 77 8.66 3.91 15.60
C CYS G 77 7.47 3.14 16.18
N LYS G 79 5.08 4.25 17.90
CA LYS G 79 3.87 5.05 17.67
C LYS G 79 3.61 5.34 16.19
N ASN G 80 4.65 5.32 15.37
CA ASN G 80 4.53 5.65 13.95
C ASN G 80 4.51 4.51 12.92
N CYS G 81 5.08 3.36 13.28
CA CYS G 81 5.18 2.30 12.31
C CYS G 81 4.22 1.13 12.39
N GLY G 82 3.18 1.28 13.21
CA GLY G 82 2.14 0.27 13.35
C GLY G 82 2.45 -1.14 13.82
N ARG G 83 1.43 -1.99 13.72
CA ARG G 83 1.53 -3.38 14.12
C ARG G 83 2.64 -4.12 13.40
N ARG G 84 2.84 -3.81 12.12
CA ARG G 84 3.88 -4.50 11.36
C ARG G 84 5.24 -4.28 12.04
N PHE G 85 5.43 -3.12 12.67
CA PHE G 85 6.66 -2.85 13.39
C PHE G 85 6.58 -3.57 14.74
N HIS G 86 5.44 -3.43 15.40
CA HIS G 86 5.20 -4.08 16.70
C HIS G 86 5.46 -5.58 16.63
N ASN G 87 5.11 -6.19 15.51
CA ASN G 87 5.32 -7.63 15.32
C ASN G 87 6.81 -8.00 15.33
N GLU G 88 7.67 -7.16 14.77
CA GLU G 88 9.11 -7.46 14.74
C GLU G 88 9.74 -7.24 16.12
N VAL G 89 9.28 -6.22 16.83
CA VAL G 89 9.78 -5.96 18.18
C VAL G 89 9.37 -7.13 19.09
N GLY G 90 8.20 -7.68 18.83
CA GLY G 90 7.71 -8.78 19.63
C GLY G 90 8.35 -10.14 19.35
N LYS G 91 9.54 -10.16 18.77
CA LYS G 91 10.21 -11.42 18.49
C LYS G 91 11.50 -11.48 19.30
N PHE G 92 11.81 -12.67 19.80
CA PHE G 92 13.01 -12.86 20.60
C PHE G 92 14.27 -12.44 19.85
N ARG G 93 14.28 -12.58 18.53
CA ARG G 93 15.45 -12.18 17.76
C ARG G 93 15.79 -10.74 18.10
N PHE G 94 14.78 -9.91 18.33
CA PHE G 94 15.00 -8.52 18.68
C PHE G 94 15.11 -8.37 20.21
N LEU G 95 14.12 -8.89 20.93
CA LEU G 95 14.10 -8.80 22.39
C LEU G 95 15.38 -9.27 23.07
N ASN G 96 15.99 -10.33 22.57
CA ASN G 96 17.23 -10.85 23.16
C ASN G 96 18.35 -9.82 23.12
N GLU G 97 18.32 -8.94 22.13
CA GLU G 97 19.37 -7.93 22.03
C GLU G 97 19.18 -6.89 23.14
N LEU G 98 17.93 -6.62 23.51
CA LEU G 98 17.65 -5.67 24.56
C LEU G 98 18.00 -6.31 25.91
N ILE G 99 17.83 -7.62 26.02
CA ILE G 99 18.17 -8.31 27.26
C ILE G 99 19.69 -8.28 27.45
N LYS G 100 20.44 -8.33 26.35
CA LYS G 100 21.90 -8.31 26.42
C LYS G 100 22.36 -6.96 26.95
N VAL G 101 21.59 -5.93 26.65
CA VAL G 101 21.91 -4.59 27.10
C VAL G 101 21.81 -4.41 28.62
N VAL G 102 20.85 -5.08 29.25
CA VAL G 102 20.66 -4.94 30.68
C VAL G 102 21.21 -6.06 31.57
N SER G 103 21.58 -7.19 30.98
CA SER G 103 22.11 -8.30 31.78
C SER G 103 23.59 -8.20 32.07
N PRO G 104 23.98 -8.44 33.34
CA PRO G 104 25.38 -8.38 33.73
C PRO G 104 26.16 -9.46 32.97
N LYS G 105 25.48 -10.57 32.70
CA LYS G 105 26.09 -11.69 31.99
C LYS G 105 26.45 -11.34 30.55
N TYR G 106 25.91 -10.25 30.02
CA TYR G 106 26.22 -9.85 28.65
C TYR G 106 26.86 -8.47 28.57
N LEU G 107 26.10 -7.45 28.21
CA LEU G 107 26.68 -6.12 28.09
C LEU G 107 26.41 -5.21 29.29
N GLY G 108 25.49 -5.64 30.15
CA GLY G 108 25.10 -4.86 31.32
C GLY G 108 26.14 -4.06 32.09
N ASP G 109 27.17 -4.74 32.60
CA ASP G 109 28.21 -4.07 33.41
C ASP G 109 28.91 -2.92 32.72
N ARG G 110 28.78 -2.82 31.40
CA ARG G 110 29.44 -1.74 30.66
C ARG G 110 28.46 -0.83 29.95
N VAL G 111 27.20 -0.87 30.35
CA VAL G 111 26.17 -0.03 29.76
C VAL G 111 25.73 1.03 30.76
N SER G 112 25.45 2.22 30.24
CA SER G 112 24.99 3.34 31.04
C SER G 112 23.73 2.98 31.83
N GLU G 113 23.66 3.42 33.09
CA GLU G 113 22.48 3.14 33.90
C GLU G 113 21.27 3.83 33.26
N LYS G 114 21.52 4.97 32.61
CA LYS G 114 20.46 5.71 31.96
C LYS G 114 19.88 4.88 30.81
N VAL G 115 20.76 4.24 30.05
CA VAL G 115 20.31 3.40 28.94
C VAL G 115 19.54 2.19 29.43
N LYS G 116 20.09 1.50 30.42
CA LYS G 116 19.47 0.32 30.99
C LYS G 116 18.10 0.63 31.59
N THR G 117 17.97 1.79 32.23
CA THR G 117 16.72 2.20 32.83
C THR G 117 15.68 2.44 31.74
N LYS G 118 16.09 3.08 30.66
CA LYS G 118 15.17 3.33 29.56
C LYS G 118 14.72 2.01 28.94
N VAL G 119 15.66 1.09 28.73
CA VAL G 119 15.32 -0.21 28.16
C VAL G 119 14.26 -0.90 29.01
N ILE G 120 14.46 -0.86 30.32
CA ILE G 120 13.51 -1.49 31.25
C ILE G 120 12.14 -0.80 31.19
N GLU G 121 12.11 0.53 31.17
CA GLU G 121 10.82 1.23 31.07
C GLU G 121 10.07 0.81 29.82
N LEU G 122 10.77 0.80 28.69
CA LEU G 122 10.15 0.41 27.42
C LEU G 122 9.58 -1.00 27.48
N LEU G 123 10.43 -1.96 27.84
CA LEU G 123 10.00 -3.35 27.94
C LEU G 123 8.71 -3.49 28.78
N TYR G 124 8.73 -2.94 29.99
CA TYR G 124 7.57 -3.03 30.87
C TYR G 124 6.35 -2.34 30.28
N SER G 125 6.53 -1.12 29.79
CA SER G 125 5.42 -0.38 29.20
C SER G 125 4.81 -1.14 28.04
N TRP G 126 5.63 -1.86 27.29
CA TRP G 126 5.10 -2.63 26.18
C TRP G 126 4.26 -3.80 26.69
N THR G 127 4.64 -4.38 27.82
CA THR G 127 3.84 -5.49 28.33
C THR G 127 2.43 -4.98 28.60
N ALA G 129 1.03 -2.04 27.09
CA ALA G 129 0.48 -1.55 25.83
C ALA G 129 0.23 -2.54 24.71
N LEU G 130 1.03 -3.60 24.60
CA LEU G 130 0.82 -4.56 23.52
C LEU G 130 0.41 -5.96 23.96
N PRO G 131 -0.86 -6.14 24.36
CA PRO G 131 -1.37 -7.44 24.81
C PRO G 131 -1.21 -8.50 23.72
N GLU G 132 -1.08 -8.03 22.48
CA GLU G 132 -0.93 -8.90 21.32
C GLU G 132 0.47 -9.53 21.20
N GLU G 133 1.44 -8.99 21.91
CA GLU G 133 2.81 -9.50 21.84
C GLU G 133 3.24 -10.23 23.11
N ALA G 134 2.89 -11.51 23.19
CA ALA G 134 3.19 -12.35 24.35
C ALA G 134 4.68 -12.52 24.64
N LYS G 135 5.51 -12.50 23.61
CA LYS G 135 6.94 -12.69 23.84
C LYS G 135 7.59 -11.54 24.60
N ILE G 136 7.02 -10.34 24.50
CA ILE G 136 7.59 -9.23 25.24
C ILE G 136 7.44 -9.50 26.73
N LYS G 137 6.29 -10.04 27.13
CA LYS G 137 6.06 -10.36 28.52
C LYS G 137 7.04 -11.44 28.99
N ASP G 138 7.22 -12.46 28.15
CA ASP G 138 8.14 -13.54 28.48
C ASP G 138 9.55 -12.99 28.68
N ALA G 139 10.01 -12.16 27.74
CA ALA G 139 11.33 -11.57 27.86
C ALA G 139 11.39 -10.79 29.18
N TYR G 140 10.35 -10.02 29.46
CA TYR G 140 10.31 -9.22 30.69
C TYR G 140 10.30 -10.08 31.96
N HIS G 141 9.45 -11.10 31.98
CA HIS G 141 9.35 -11.97 33.14
C HIS G 141 10.68 -12.65 33.43
N LEU G 143 13.61 -11.43 32.93
CA LEU G 143 14.49 -10.46 33.58
C LEU G 143 14.19 -10.40 35.07
N LYS G 144 12.92 -10.50 35.43
CA LYS G 144 12.55 -10.48 36.83
C LYS G 144 13.06 -11.77 37.48
N ARG G 145 12.85 -12.90 36.81
CA ARG G 145 13.30 -14.19 37.33
C ARG G 145 14.80 -14.13 37.63
N GLN G 146 15.59 -13.67 36.67
CA GLN G 146 17.03 -13.57 36.84
C GLN G 146 17.42 -12.51 37.85
N GLY G 147 16.45 -11.71 38.29
CA GLY G 147 16.72 -10.67 39.26
C GLY G 147 17.32 -9.38 38.72
N ILE G 148 17.40 -9.26 37.40
CA ILE G 148 17.95 -8.04 36.80
C ILE G 148 16.97 -6.93 37.10
N VAL G 149 15.69 -7.27 37.04
CA VAL G 149 14.62 -6.32 37.35
C VAL G 149 14.01 -6.82 38.65
N GLN G 150 14.26 -6.11 39.74
CA GLN G 150 13.76 -6.50 41.05
C GLN G 150 12.27 -6.23 41.25
N SER G 151 11.75 -5.21 40.57
CA SER G 151 10.33 -4.87 40.69
C SER G 151 9.93 -3.93 39.55
N ASP G 152 8.68 -4.03 39.11
CA ASP G 152 8.19 -3.20 38.03
C ASP G 152 8.56 -1.74 38.24
N PRO G 153 9.13 -1.10 37.22
CA PRO G 153 9.53 0.30 37.31
C PRO G 153 8.39 1.29 37.05
N PRO G 154 8.61 2.56 37.44
CA PRO G 154 7.59 3.58 37.21
C PRO G 154 7.84 3.93 35.76
N ILE G 155 6.81 4.34 35.02
CA ILE G 155 7.03 4.68 33.63
C ILE G 155 6.27 5.93 33.25
N PRO G 156 6.73 6.61 32.18
CA PRO G 156 6.05 7.82 31.74
C PRO G 156 4.64 7.38 31.35
N VAL G 157 3.65 8.25 31.55
CA VAL G 157 2.30 7.88 31.19
C VAL G 157 1.60 9.00 30.43
N ASP G 158 0.57 8.62 29.70
CA ASP G 158 -0.23 9.57 28.94
C ASP G 158 -1.61 8.96 28.75
N ARG G 159 -2.60 9.81 28.51
CA ARG G 159 -3.97 9.35 28.31
C ARG G 159 -4.07 8.12 27.41
N THR G 160 -3.33 8.12 26.30
CA THR G 160 -3.39 6.98 25.39
C THR G 160 -2.96 5.72 26.14
N LEU G 161 -1.94 5.87 26.97
CA LEU G 161 -1.36 4.80 27.79
C LEU G 161 -1.60 3.35 27.35
N ILE G 162 -2.75 2.81 27.73
CA ILE G 162 -3.13 1.43 27.43
C ILE G 162 -4.22 1.38 26.34
N ARG H 6 9.76 -18.46 12.88
CA ARG H 6 11.13 -18.68 12.41
C ARG H 6 12.04 -18.08 13.48
N ASP H 7 11.41 -17.37 14.42
CA ASP H 7 12.07 -16.69 15.52
C ASP H 7 13.05 -17.56 16.33
N ASP H 8 13.99 -16.91 17.01
CA ASP H 8 14.96 -17.62 17.84
C ASP H 8 14.25 -17.94 19.16
N HIS H 9 14.97 -18.55 20.09
CA HIS H 9 14.40 -18.85 21.40
C HIS H 9 14.88 -17.74 22.33
N LEU H 10 14.25 -17.63 23.50
CA LEU H 10 14.64 -16.61 24.47
C LEU H 10 16.10 -16.88 24.88
N LEU H 11 16.91 -15.83 24.95
CA LEU H 11 18.31 -16.00 25.32
C LEU H 11 18.55 -16.80 26.60
N PRO H 12 19.46 -17.80 26.52
CA PRO H 12 19.78 -18.63 27.68
C PRO H 12 20.41 -17.74 28.74
N MET H 13 20.60 -18.27 29.94
CA MET H 13 21.21 -17.49 31.00
C MET H 13 21.43 -18.31 32.26
#